data_8GD1
#
_entry.id   8GD1
#
_cell.length_a   59.965
_cell.length_b   65.218
_cell.length_c   87.283
_cell.angle_alpha   90.00
_cell.angle_beta   90.00
_cell.angle_gamma   90.00
#
_symmetry.space_group_name_H-M   'P 21 21 21'
#
loop_
_entity.id
_entity.type
_entity.pdbx_description
1 polymer 'HIV-1 LM/HT Clade A/E CRF01 gp120 core'
2 non-polymer 2-acetamido-2-deoxy-beta-D-glucopyranose
3 non-polymer (3S,5S)-5-(aminomethyl)-N-(4-chloro-3-fluorophenyl)-1-[(3R,5S)-3,4,5-trimethylpiperazine-1-carbonyl]piperidine-3-carboxamide
4 non-polymer '4-(2-HYDROXYETHYL)-1-PIPERAZINE ETHANESULFONIC ACID'
5 non-polymer 'CHLORIDE ION'
#
_entity_poly.entity_id   1
_entity_poly.type   'polypeptide(L)'
_entity_poly.pdbx_seq_one_letter_code
;VPVWKDADTTLFCASDAKAYETEVHNVWATHACVPTDPNPQEIHLENVTENFNMWKNNMVEQMHEDIISLWDQSLQPCVK
LTGGSVIKQACPKISFDPIPIHYCTPAGYVILKCNDKNFNGTGPCKNVSSVQCTHGIKPVVSTQLLLNGSLAEEEIIIRS
ENLTNNAKTIIVHLNKSVEINCTRPSNGGSGSGGDIRKAYCEINGTKWNKVLKQVTEKLKEHFNNKTIIFQPPSGGDLEI
TMHTFNCRGEFFYCNTTQLFNNTCIGNETMKGCNGTITLPCKIKQIINMWQGTGQAMYAPPIDGKINCVSNITGILLTRD
GGANNTSNETFRPGGGDMRDNWRSELYKYKVVQIE
;
_entity_poly.pdbx_strand_id   A
#
# COMPACT_ATOMS: atom_id res chain seq x y z
N PRO A 2 -11.64 32.25 -3.79
CA PRO A 2 -10.53 31.55 -4.44
C PRO A 2 -9.14 31.84 -3.86
N VAL A 3 -8.10 31.47 -4.62
CA VAL A 3 -6.68 31.68 -4.30
C VAL A 3 -6.18 30.77 -3.19
N TRP A 4 -4.95 30.29 -3.35
CA TRP A 4 -4.35 29.26 -2.51
C TRP A 4 -2.85 29.24 -2.78
N LYS A 5 -2.11 28.67 -1.84
CA LYS A 5 -0.66 28.52 -1.97
C LYS A 5 -0.27 27.11 -1.55
N ASP A 6 0.81 26.61 -2.15
CA ASP A 6 1.33 25.27 -1.83
C ASP A 6 2.02 25.34 -0.46
N ALA A 7 1.24 25.07 0.59
CA ALA A 7 1.75 25.01 1.95
C ALA A 7 1.12 23.82 2.65
N ASP A 8 1.81 23.26 3.64
CA ASP A 8 1.36 22.09 4.38
C ASP A 8 1.15 22.45 5.85
N THR A 9 0.14 21.84 6.46
CA THR A 9 -0.17 22.08 7.86
C THR A 9 -0.59 20.78 8.55
N THR A 10 -0.45 20.77 9.88
CA THR A 10 -0.83 19.63 10.69
C THR A 10 -2.27 19.23 10.43
N LEU A 11 -2.47 17.95 10.16
CA LEU A 11 -3.73 17.41 9.69
C LEU A 11 -4.44 16.71 10.85
N PHE A 12 -5.76 16.51 10.76
CA PHE A 12 -6.38 15.64 11.76
C PHE A 12 -7.09 14.48 11.07
N CYS A 13 -7.50 13.48 11.87
CA CYS A 13 -8.03 12.25 11.29
C CYS A 13 -9.42 11.94 11.80
N ALA A 14 -10.16 11.20 10.97
CA ALA A 14 -11.50 10.78 11.27
C ALA A 14 -11.66 9.31 10.90
N SER A 15 -12.68 8.68 11.48
CA SER A 15 -12.94 7.26 11.28
C SER A 15 -14.29 6.92 11.89
N ASP A 16 -14.81 5.77 11.48
CA ASP A 16 -16.01 5.20 12.08
C ASP A 16 -15.68 4.18 13.16
N ALA A 17 -14.57 4.37 13.87
CA ALA A 17 -14.17 3.44 14.92
C ALA A 17 -15.30 3.20 15.88
N LYS A 18 -15.74 1.94 15.95
CA LYS A 18 -16.73 1.56 16.94
C LYS A 18 -16.06 1.56 18.30
N ALA A 19 -16.61 2.31 19.24
CA ALA A 19 -16.12 2.15 20.59
C ALA A 19 -16.57 0.80 21.15
N TYR A 20 -15.97 0.41 22.26
CA TYR A 20 -16.23 -0.86 22.93
C TYR A 20 -15.96 -2.07 22.05
N GLU A 21 -15.15 -1.89 21.00
CA GLU A 21 -14.57 -2.96 20.20
C GLU A 21 -13.08 -3.01 20.48
N THR A 22 -12.54 -4.22 20.57
CA THR A 22 -11.14 -4.41 20.91
C THR A 22 -10.22 -4.45 19.69
N GLU A 23 -10.76 -4.24 18.50
CA GLU A 23 -9.89 -4.11 17.35
C GLU A 23 -8.92 -2.97 17.60
N VAL A 24 -7.63 -3.26 17.43
CA VAL A 24 -6.61 -2.28 17.77
C VAL A 24 -6.74 -1.05 16.89
N HIS A 25 -7.08 -1.25 15.61
CA HIS A 25 -7.38 -0.11 14.74
C HIS A 25 -8.56 0.67 15.30
N ASN A 26 -9.60 -0.06 15.70
CA ASN A 26 -10.77 0.58 16.29
C ASN A 26 -10.37 1.40 17.51
N VAL A 27 -9.60 0.81 18.42
CA VAL A 27 -9.28 1.50 19.66
C VAL A 27 -8.23 2.58 19.47
N TRP A 28 -7.52 2.59 18.35
CA TRP A 28 -6.64 3.71 18.07
C TRP A 28 -7.40 4.88 17.47
N ALA A 29 -8.35 4.59 16.59
CA ALA A 29 -9.15 5.67 16.03
C ALA A 29 -10.20 6.18 16.99
N THR A 30 -10.53 5.41 18.04
CA THR A 30 -11.44 5.88 19.09
C THR A 30 -10.81 6.96 19.97
N HIS A 31 -9.48 7.01 20.07
CA HIS A 31 -8.81 7.97 20.92
C HIS A 31 -7.91 8.94 20.17
N ALA A 32 -7.68 8.71 18.86
CA ALA A 32 -6.80 9.59 18.10
C ALA A 32 -7.46 10.24 16.90
N CYS A 33 -8.71 9.90 16.59
CA CYS A 33 -9.46 10.48 15.47
C CYS A 33 -10.84 10.93 15.95
N VAL A 34 -11.46 11.80 15.17
CA VAL A 34 -12.79 12.33 15.51
C VAL A 34 -13.87 11.59 14.73
N PRO A 35 -15.12 11.62 15.16
CA PRO A 35 -16.21 11.00 14.39
C PRO A 35 -16.33 11.63 13.01
N THR A 36 -16.60 10.78 12.03
CA THR A 36 -16.61 11.22 10.64
C THR A 36 -17.61 12.34 10.43
N ASP A 37 -17.23 13.27 9.57
CA ASP A 37 -18.10 14.33 9.11
C ASP A 37 -19.47 13.76 8.71
N PRO A 38 -20.54 14.11 9.43
CA PRO A 38 -21.86 13.55 9.10
C PRO A 38 -22.55 14.28 7.95
N ASN A 39 -21.94 15.31 7.40
CA ASN A 39 -22.39 15.98 6.19
C ASN A 39 -21.18 16.68 5.58
N PRO A 40 -20.41 15.98 4.75
CA PRO A 40 -19.29 16.64 4.06
C PRO A 40 -19.68 17.00 2.65
N GLN A 41 -19.00 17.95 2.03
CA GLN A 41 -19.41 18.27 0.68
C GLN A 41 -18.28 18.92 -0.09
N GLU A 42 -18.45 18.90 -1.39
CA GLU A 42 -17.39 19.16 -2.35
C GLU A 42 -17.84 20.30 -3.25
N ILE A 43 -16.88 21.04 -3.77
CA ILE A 43 -17.17 22.19 -4.60
C ILE A 43 -16.26 22.08 -5.82
N HIS A 44 -16.81 21.66 -6.96
CA HIS A 44 -16.00 21.60 -8.17
C HIS A 44 -15.48 22.99 -8.45
N LEU A 45 -14.16 23.09 -8.54
CA LEU A 45 -13.49 24.34 -8.84
C LEU A 45 -13.65 24.46 -10.36
N GLU A 46 -14.58 25.31 -10.78
CA GLU A 46 -14.87 25.41 -12.20
C GLU A 46 -13.68 26.00 -12.96
N ASN A 47 -13.34 25.36 -14.07
CA ASN A 47 -12.22 25.75 -14.93
C ASN A 47 -10.90 25.84 -14.16
N VAL A 48 -10.32 24.70 -13.78
CA VAL A 48 -9.14 24.68 -12.93
C VAL A 48 -8.09 23.75 -13.47
N THR A 49 -6.86 24.02 -13.09
CA THR A 49 -5.68 23.29 -13.53
C THR A 49 -4.73 23.35 -12.33
N GLU A 50 -4.78 22.33 -11.47
CA GLU A 50 -3.95 22.35 -10.30
C GLU A 50 -2.82 21.34 -10.46
N ASN A 51 -1.72 21.61 -9.78
CA ASN A 51 -0.53 20.79 -9.92
C ASN A 51 -0.27 20.07 -8.61
N PHE A 52 -0.75 18.83 -8.54
CA PHE A 52 -0.44 17.93 -7.45
C PHE A 52 0.85 17.21 -7.86
N ASN A 53 1.73 16.95 -6.90
CA ASN A 53 2.94 16.18 -7.15
C ASN A 53 2.97 15.12 -6.06
N MET A 54 2.33 13.98 -6.31
CA MET A 54 2.12 12.99 -5.26
C MET A 54 3.43 12.46 -4.70
N TRP A 55 4.50 12.51 -5.49
CA TRP A 55 5.78 12.02 -5.01
C TRP A 55 6.41 12.94 -3.97
N LYS A 56 5.97 14.20 -3.89
CA LYS A 56 6.39 15.15 -2.85
C LYS A 56 5.11 15.75 -2.26
N ASN A 57 4.77 15.34 -1.04
CA ASN A 57 3.48 15.68 -0.46
C ASN A 57 3.57 15.37 1.03
N ASN A 58 3.08 16.28 1.87
CA ASN A 58 3.21 16.08 3.31
C ASN A 58 2.07 15.26 3.91
N MET A 59 0.95 15.15 3.20
CA MET A 59 -0.14 14.28 3.64
C MET A 59 0.37 12.87 3.91
N VAL A 60 1.15 12.32 2.98
CA VAL A 60 1.58 10.93 3.11
C VAL A 60 2.49 10.77 4.32
N GLU A 61 3.37 11.74 4.54
CA GLU A 61 4.28 11.66 5.69
C GLU A 61 3.51 11.74 7.01
N GLN A 62 2.50 12.61 7.07
CA GLN A 62 1.64 12.67 8.26
C GLN A 62 0.95 11.34 8.48
N MET A 63 0.39 10.76 7.41
CA MET A 63 -0.14 9.41 7.49
C MET A 63 0.92 8.41 7.94
N HIS A 64 2.16 8.59 7.49
CA HIS A 64 3.21 7.66 7.86
C HIS A 64 3.36 7.62 9.36
N GLU A 65 3.68 8.77 9.98
CA GLU A 65 3.82 8.77 11.42
C GLU A 65 2.53 8.32 12.09
N ASP A 66 1.39 8.54 11.44
CA ASP A 66 0.13 8.06 12.00
C ASP A 66 0.15 6.54 12.14
N ILE A 67 0.62 5.85 11.11
CA ILE A 67 0.61 4.39 11.18
C ILE A 67 1.76 3.90 12.04
N ILE A 68 2.88 4.62 12.06
CA ILE A 68 3.96 4.28 12.97
C ILE A 68 3.44 4.26 14.41
N SER A 69 2.75 5.32 14.82
CA SER A 69 2.17 5.36 16.17
C SER A 69 1.11 4.28 16.37
N LEU A 70 0.12 4.22 15.48
CA LEU A 70 -0.91 3.19 15.50
C LEU A 70 -0.32 1.82 15.77
N TRP A 71 0.67 1.41 14.97
CA TRP A 71 1.28 0.10 15.12
C TRP A 71 2.11 0.01 16.38
N ASP A 72 2.73 1.12 16.79
CA ASP A 72 3.60 1.11 17.96
C ASP A 72 2.81 0.78 19.22
N GLN A 73 1.64 1.35 19.38
CA GLN A 73 0.86 1.06 20.57
C GLN A 73 -0.02 -0.18 20.42
N SER A 74 -0.09 -0.76 19.22
CA SER A 74 -0.96 -1.90 18.98
C SER A 74 -0.09 -3.10 18.80
N LEU A 75 0.40 -3.42 17.61
CA LEU A 75 1.25 -4.56 17.38
C LEU A 75 2.56 -4.43 18.11
N GLN A 76 2.65 -5.02 19.30
CA GLN A 76 3.80 -4.78 20.16
C GLN A 76 4.54 -6.09 20.35
N PRO A 77 5.82 -6.15 20.03
CA PRO A 77 6.54 -7.43 20.02
C PRO A 77 6.98 -7.84 21.41
N CYS A 78 7.08 -9.15 21.62
CA CYS A 78 7.71 -9.64 22.85
C CYS A 78 9.07 -9.00 23.05
N VAL A 79 9.87 -8.98 22.00
CA VAL A 79 11.20 -8.39 22.07
C VAL A 79 11.40 -7.48 20.86
N LYS A 80 12.09 -6.37 21.07
CA LYS A 80 12.36 -5.38 20.05
C LYS A 80 13.84 -5.04 20.12
N LEU A 81 14.53 -5.17 19.02
CA LEU A 81 15.96 -4.97 18.92
C LEU A 81 16.13 -3.83 17.92
N THR A 82 16.06 -2.60 18.41
CA THR A 82 16.21 -1.42 17.59
C THR A 82 17.50 -0.71 18.00
N GLY A 83 18.42 -0.59 17.06
CA GLY A 83 19.74 -0.06 17.37
C GLY A 83 20.43 -0.90 18.43
N GLY A 84 20.97 -0.22 19.44
CA GLY A 84 21.66 -0.89 20.52
C GLY A 84 20.81 -1.00 21.78
N SER A 85 19.79 -1.84 21.72
CA SER A 85 18.86 -1.95 22.83
C SER A 85 17.98 -3.18 22.65
N VAL A 86 17.69 -3.85 23.76
CA VAL A 86 16.84 -5.03 23.77
C VAL A 86 15.63 -4.71 24.64
N ILE A 87 14.52 -4.37 23.98
CA ILE A 87 13.27 -4.01 24.62
C ILE A 87 12.51 -5.32 24.82
N LYS A 88 12.33 -5.73 26.07
CA LYS A 88 11.50 -6.89 26.38
C LYS A 88 10.17 -6.35 26.89
N GLN A 89 9.08 -6.96 26.46
CA GLN A 89 7.76 -6.60 26.97
C GLN A 89 6.80 -7.74 26.69
N ALA A 90 5.51 -7.47 26.93
CA ALA A 90 4.44 -8.44 26.74
C ALA A 90 3.90 -8.38 25.32
N CYS A 91 3.41 -9.52 24.84
CA CYS A 91 2.93 -9.66 23.46
C CYS A 91 1.70 -10.55 23.43
N PRO A 92 0.62 -10.14 24.09
CA PRO A 92 -0.63 -10.89 23.95
C PRO A 92 -1.12 -10.76 22.52
N LYS A 93 -1.61 -11.88 21.98
CA LYS A 93 -2.19 -11.83 20.65
C LYS A 93 -3.43 -10.95 20.65
N ILE A 94 -3.53 -10.07 19.66
CA ILE A 94 -4.57 -9.06 19.65
C ILE A 94 -5.51 -9.25 18.47
N SER A 95 -6.43 -8.31 18.28
CA SER A 95 -7.32 -8.28 17.13
C SER A 95 -6.79 -7.27 16.13
N PHE A 96 -6.74 -7.65 14.85
CA PHE A 96 -6.11 -6.82 13.83
C PHE A 96 -6.85 -6.96 12.51
N ASP A 97 -7.34 -5.82 11.97
CA ASP A 97 -7.98 -5.69 10.66
C ASP A 97 -8.14 -4.21 10.33
N PRO A 98 -7.36 -3.67 9.39
CA PRO A 98 -7.37 -2.22 9.13
C PRO A 98 -8.77 -1.67 8.86
N ILE A 99 -8.96 -0.41 9.24
CA ILE A 99 -10.23 0.31 9.02
C ILE A 99 -9.90 1.63 8.33
N PRO A 100 -10.85 2.23 7.61
CA PRO A 100 -10.55 3.46 6.88
C PRO A 100 -10.25 4.65 7.80
N ILE A 101 -9.23 5.41 7.40
CA ILE A 101 -8.85 6.64 8.09
C ILE A 101 -8.97 7.77 7.08
N HIS A 102 -9.68 8.83 7.49
CA HIS A 102 -9.86 10.04 6.68
C HIS A 102 -8.93 11.12 7.21
N TYR A 103 -8.32 11.88 6.30
CA TYR A 103 -7.50 13.02 6.68
C TYR A 103 -8.25 14.31 6.37
N CYS A 104 -8.12 15.30 7.26
CA CYS A 104 -9.09 16.40 7.33
C CYS A 104 -8.37 17.69 7.73
N THR A 105 -8.47 18.72 6.87
CA THR A 105 -7.74 19.97 7.09
C THR A 105 -8.38 20.80 8.18
N PRO A 106 -7.60 21.59 8.90
CA PRO A 106 -8.19 22.57 9.82
C PRO A 106 -8.65 23.80 9.06
N ALA A 107 -9.37 24.66 9.77
CA ALA A 107 -9.89 25.87 9.18
C ALA A 107 -8.75 26.74 8.65
N GLY A 108 -8.92 27.25 7.42
CA GLY A 108 -7.90 28.00 6.73
C GLY A 108 -7.21 27.23 5.63
N TYR A 109 -7.25 25.91 5.68
CA TYR A 109 -6.68 25.07 4.64
C TYR A 109 -7.78 24.16 4.10
N VAL A 110 -7.51 23.57 2.94
CA VAL A 110 -8.47 22.69 2.29
C VAL A 110 -7.68 21.64 1.51
N ILE A 111 -8.37 20.58 1.10
CA ILE A 111 -7.77 19.46 0.39
C ILE A 111 -8.22 19.53 -1.08
N LEU A 112 -7.26 19.49 -2.00
CA LEU A 112 -7.56 19.56 -3.43
C LEU A 112 -7.49 18.13 -3.98
N LYS A 113 -8.63 17.63 -4.45
CA LYS A 113 -8.80 16.27 -4.93
C LYS A 113 -8.92 16.31 -6.45
N CYS A 114 -7.99 15.65 -7.12
CA CYS A 114 -8.02 15.55 -8.57
C CYS A 114 -8.96 14.40 -8.95
N ASN A 115 -10.02 14.72 -9.68
CA ASN A 115 -10.98 13.73 -10.10
C ASN A 115 -10.77 13.27 -11.54
N ASP A 116 -9.68 13.70 -12.16
CA ASP A 116 -9.27 13.12 -13.43
C ASP A 116 -8.89 11.66 -13.21
N LYS A 117 -9.62 10.75 -13.85
CA LYS A 117 -9.40 9.32 -13.69
C LYS A 117 -8.15 8.81 -14.42
N ASN A 118 -7.52 9.65 -15.23
CA ASN A 118 -6.27 9.35 -15.90
C ASN A 118 -5.06 9.75 -15.08
N PHE A 119 -5.29 10.34 -13.91
CA PHE A 119 -4.25 11.05 -13.20
C PHE A 119 -3.17 10.07 -12.74
N ASN A 120 -1.92 10.38 -13.06
CA ASN A 120 -0.81 9.49 -12.73
C ASN A 120 -0.05 9.93 -11.50
N GLY A 121 -0.34 11.10 -10.96
CA GLY A 121 0.31 11.55 -9.75
C GLY A 121 1.09 12.84 -9.90
N THR A 122 2.04 12.88 -10.82
CA THR A 122 2.72 14.12 -11.11
C THR A 122 2.01 14.82 -12.28
N GLY A 123 2.23 16.11 -12.41
CA GLY A 123 1.72 16.84 -13.54
C GLY A 123 0.31 17.39 -13.34
N PRO A 124 -0.05 18.40 -14.11
CA PRO A 124 -1.29 19.13 -13.84
C PRO A 124 -2.54 18.29 -14.03
N CYS A 125 -3.63 18.73 -13.38
CA CYS A 125 -4.93 18.06 -13.37
C CYS A 125 -5.99 19.10 -13.61
N LYS A 126 -6.96 18.78 -14.47
CA LYS A 126 -7.97 19.76 -14.86
C LYS A 126 -9.32 19.59 -14.17
N ASN A 127 -9.71 18.38 -13.78
CA ASN A 127 -10.91 18.24 -12.95
C ASN A 127 -10.48 18.26 -11.50
N VAL A 128 -10.29 19.49 -10.96
CA VAL A 128 -9.99 19.66 -9.55
C VAL A 128 -11.29 19.82 -8.78
N SER A 129 -11.23 19.53 -7.49
CA SER A 129 -12.42 19.31 -6.70
C SER A 129 -12.07 19.34 -5.21
N SER A 130 -12.68 20.25 -4.47
CA SER A 130 -12.19 20.62 -3.14
C SER A 130 -13.00 19.98 -2.02
N VAL A 131 -12.30 19.37 -1.07
CA VAL A 131 -12.91 18.69 0.06
C VAL A 131 -12.08 18.98 1.31
N GLN A 132 -12.72 18.93 2.47
CA GLN A 132 -12.00 19.17 3.71
C GLN A 132 -11.40 17.91 4.29
N CYS A 133 -11.89 16.73 3.86
CA CYS A 133 -11.41 15.42 4.31
C CYS A 133 -11.20 14.52 3.11
N THR A 134 -10.11 13.73 3.14
CA THR A 134 -9.94 12.71 2.12
C THR A 134 -11.02 11.66 2.28
N HIS A 135 -10.92 10.56 1.56
CA HIS A 135 -11.93 9.52 1.69
C HIS A 135 -11.45 8.49 2.71
N GLY A 136 -12.20 7.42 2.86
CA GLY A 136 -11.86 6.39 3.82
C GLY A 136 -10.74 5.53 3.30
N ILE A 137 -9.62 5.45 4.03
CA ILE A 137 -8.42 4.79 3.56
C ILE A 137 -7.96 3.77 4.60
N LYS A 138 -7.77 2.53 4.14
CA LYS A 138 -7.30 1.46 4.99
C LYS A 138 -5.78 1.47 4.99
N PRO A 139 -5.13 1.43 6.17
CA PRO A 139 -3.66 1.51 6.18
C PRO A 139 -2.98 0.14 6.15
N VAL A 140 -3.06 -0.51 4.99
CA VAL A 140 -2.57 -1.87 4.84
C VAL A 140 -1.06 -1.85 4.61
N VAL A 141 -0.35 -2.58 5.46
CA VAL A 141 1.10 -2.67 5.42
C VAL A 141 1.45 -3.93 4.65
N SER A 142 2.28 -3.79 3.62
CA SER A 142 2.61 -4.94 2.78
C SER A 142 3.73 -4.59 1.82
N THR A 143 4.41 -5.61 1.33
CA THR A 143 5.39 -5.46 0.28
C THR A 143 4.88 -6.12 -0.99
N GLN A 144 5.54 -5.78 -2.10
CA GLN A 144 5.24 -6.20 -3.47
C GLN A 144 3.81 -5.91 -3.92
N LEU A 145 2.83 -6.47 -3.24
CA LEU A 145 1.44 -6.38 -3.66
C LEU A 145 0.67 -5.41 -2.76
N LEU A 146 -0.10 -4.51 -3.36
CA LEU A 146 -0.92 -3.56 -2.61
C LEU A 146 -2.29 -4.20 -2.43
N LEU A 147 -2.81 -4.17 -1.20
CA LEU A 147 -4.01 -4.92 -0.91
C LEU A 147 -5.07 -4.05 -0.27
N ASN A 148 -6.32 -4.32 -0.65
CA ASN A 148 -7.49 -3.73 0.01
C ASN A 148 -7.59 -2.23 -0.24
N GLY A 149 -7.16 -1.78 -1.42
CA GLY A 149 -7.23 -0.38 -1.75
C GLY A 149 -8.20 -0.03 -2.86
N SER A 150 -8.17 1.22 -3.31
CA SER A 150 -8.98 1.67 -4.42
C SER A 150 -8.28 1.38 -5.74
N LEU A 151 -9.07 1.31 -6.80
CA LEU A 151 -8.60 0.84 -8.10
C LEU A 151 -8.81 1.94 -9.13
N ALA A 152 -8.05 1.88 -10.21
CA ALA A 152 -8.10 2.94 -11.19
C ALA A 152 -9.46 2.96 -11.88
N GLU A 153 -10.00 4.17 -12.07
CA GLU A 153 -11.36 4.26 -12.59
C GLU A 153 -11.43 3.80 -14.05
N GLU A 154 -10.32 3.82 -14.77
CA GLU A 154 -10.33 3.33 -16.14
C GLU A 154 -9.14 2.44 -16.51
N GLU A 155 -8.14 2.96 -17.21
CA GLU A 155 -7.01 2.16 -17.65
C GLU A 155 -6.07 1.92 -16.47
N ILE A 156 -5.17 0.96 -16.63
CA ILE A 156 -4.14 0.73 -15.61
C ILE A 156 -3.12 1.86 -15.69
N ILE A 157 -2.83 2.47 -14.55
CA ILE A 157 -1.97 3.65 -14.54
C ILE A 157 -0.68 3.32 -13.80
N ILE A 158 0.46 3.69 -14.38
CA ILE A 158 1.72 3.60 -13.68
C ILE A 158 2.08 5.00 -13.17
N ARG A 159 2.55 5.04 -11.93
CA ARG A 159 2.95 6.25 -11.22
C ARG A 159 4.43 6.14 -10.88
N SER A 160 5.17 7.22 -11.10
CA SER A 160 6.59 7.19 -10.76
C SER A 160 7.04 8.61 -10.43
N GLU A 161 8.14 8.70 -9.68
CA GLU A 161 8.80 9.98 -9.42
C GLU A 161 9.78 10.34 -10.54
N ASN A 162 9.96 9.43 -11.50
CA ASN A 162 10.83 9.58 -12.66
C ASN A 162 11.05 8.19 -13.25
N LEU A 163 10.18 7.77 -14.17
CA LEU A 163 10.30 6.48 -14.82
C LEU A 163 11.73 6.17 -15.23
N THR A 164 12.36 7.16 -15.86
CA THR A 164 13.77 7.05 -16.33
C THR A 164 14.65 6.53 -15.19
N ASN A 165 14.70 7.28 -14.08
CA ASN A 165 15.50 6.87 -12.93
C ASN A 165 15.07 5.46 -12.49
N ASN A 166 16.06 4.58 -12.34
CA ASN A 166 15.77 3.20 -11.94
C ASN A 166 15.27 3.14 -10.51
N ALA A 167 16.08 3.64 -9.56
CA ALA A 167 15.79 3.47 -8.14
C ALA A 167 14.41 3.99 -7.81
N LYS A 168 13.98 5.06 -8.47
CA LYS A 168 12.68 5.64 -8.17
C LYS A 168 11.59 4.62 -8.46
N THR A 169 10.97 4.16 -7.37
CA THR A 169 9.99 3.09 -7.41
C THR A 169 8.94 3.35 -8.48
N ILE A 170 8.37 2.27 -8.98
CA ILE A 170 7.27 2.32 -9.93
C ILE A 170 6.06 1.73 -9.22
N ILE A 171 4.93 2.46 -9.23
CA ILE A 171 3.70 1.98 -8.62
C ILE A 171 2.69 1.69 -9.72
N VAL A 172 1.97 0.58 -9.59
CA VAL A 172 1.00 0.18 -10.59
C VAL A 172 -0.37 0.17 -9.96
N HIS A 173 -1.28 0.98 -10.52
CA HIS A 173 -2.64 1.16 -10.04
C HIS A 173 -3.53 0.40 -11.03
N LEU A 174 -4.02 -0.75 -10.59
CA LEU A 174 -4.83 -1.65 -11.41
C LEU A 174 -6.26 -1.15 -11.51
N ASN A 175 -6.93 -1.51 -12.58
CA ASN A 175 -8.32 -1.11 -12.77
C ASN A 175 -9.31 -2.22 -12.46
N LYS A 176 -8.85 -3.31 -11.87
CA LYS A 176 -9.75 -4.39 -11.48
C LYS A 176 -9.01 -5.25 -10.47
N SER A 177 -9.78 -5.96 -9.68
CA SER A 177 -9.27 -6.59 -8.46
C SER A 177 -9.00 -8.07 -8.67
N VAL A 178 -7.78 -8.48 -8.35
CA VAL A 178 -7.38 -9.87 -8.36
C VAL A 178 -7.38 -10.33 -6.92
N GLU A 179 -8.30 -11.20 -6.53
CA GLU A 179 -8.40 -11.55 -5.13
C GLU A 179 -7.38 -12.63 -4.75
N ILE A 180 -6.81 -12.49 -3.56
CA ILE A 180 -5.81 -13.41 -3.00
C ILE A 180 -6.35 -13.96 -1.69
N ASN A 181 -6.16 -15.25 -1.44
CA ASN A 181 -6.85 -15.96 -0.35
C ASN A 181 -5.82 -16.75 0.46
N CYS A 182 -5.45 -16.25 1.63
CA CYS A 182 -4.33 -16.78 2.41
C CYS A 182 -4.83 -17.47 3.68
N THR A 183 -4.21 -18.60 4.02
CA THR A 183 -4.71 -19.49 5.04
C THR A 183 -3.58 -20.21 5.78
N ARG A 184 -3.83 -20.50 7.04
CA ARG A 184 -3.02 -21.37 7.89
C ARG A 184 -4.08 -22.30 8.45
N PRO A 185 -4.13 -23.53 7.98
CA PRO A 185 -5.12 -24.48 8.48
C PRO A 185 -4.83 -24.86 9.94
N SER A 186 -5.91 -25.09 10.68
CA SER A 186 -5.79 -25.45 12.08
C SER A 186 -5.52 -26.93 12.26
N ASN A 187 -4.86 -27.27 13.36
CA ASN A 187 -4.63 -28.66 13.72
C ASN A 187 -5.91 -29.47 13.75
N ASP A 195 3.48 -28.57 11.63
CA ASP A 195 4.03 -27.22 11.46
C ASP A 195 2.93 -26.18 11.45
N ILE A 196 3.07 -25.18 12.33
CA ILE A 196 2.07 -24.13 12.48
C ILE A 196 2.43 -22.85 11.75
N ARG A 197 3.68 -22.70 11.33
CA ARG A 197 4.09 -21.54 10.56
C ARG A 197 3.87 -21.72 9.06
N LYS A 198 3.52 -22.93 8.62
CA LYS A 198 3.28 -23.17 7.20
C LYS A 198 1.92 -22.60 6.81
N ALA A 199 1.90 -21.72 5.80
CA ALA A 199 0.67 -21.12 5.31
C ALA A 199 0.71 -21.10 3.78
N TYR A 200 -0.38 -20.70 3.17
CA TYR A 200 -0.39 -20.63 1.71
C TYR A 200 -1.45 -19.63 1.23
N CYS A 201 -1.30 -19.20 -0.03
CA CYS A 201 -2.20 -18.21 -0.62
C CYS A 201 -2.64 -18.65 -2.01
N GLU A 202 -3.94 -18.86 -2.18
CA GLU A 202 -4.54 -19.18 -3.46
C GLU A 202 -4.78 -17.89 -4.25
N ILE A 203 -4.42 -17.91 -5.53
CA ILE A 203 -4.70 -16.80 -6.42
C ILE A 203 -5.06 -17.42 -7.78
N ASN A 204 -6.25 -17.10 -8.29
CA ASN A 204 -6.73 -17.71 -9.52
C ASN A 204 -5.86 -17.28 -10.69
N GLY A 205 -5.30 -18.26 -11.41
CA GLY A 205 -4.24 -17.99 -12.36
C GLY A 205 -4.69 -17.29 -13.62
N THR A 206 -5.90 -17.59 -14.09
CA THR A 206 -6.42 -16.91 -15.27
C THR A 206 -6.52 -15.42 -15.04
N LYS A 207 -7.22 -15.02 -13.96
CA LYS A 207 -7.30 -13.62 -13.58
C LYS A 207 -5.90 -13.01 -13.59
N TRP A 208 -5.04 -13.48 -12.69
CA TRP A 208 -3.71 -12.88 -12.52
C TRP A 208 -2.97 -12.73 -13.84
N ASN A 209 -2.92 -13.81 -14.64
CA ASN A 209 -2.11 -13.77 -15.87
C ASN A 209 -2.70 -12.81 -16.90
N LYS A 210 -4.04 -12.78 -17.01
CA LYS A 210 -4.70 -11.78 -17.87
C LYS A 210 -4.36 -10.36 -17.45
N VAL A 211 -4.61 -10.01 -16.18
CA VAL A 211 -4.33 -8.64 -15.78
C VAL A 211 -2.85 -8.37 -15.92
N LEU A 212 -2.00 -9.32 -15.53
CA LEU A 212 -0.56 -9.15 -15.69
C LEU A 212 -0.23 -8.84 -17.16
N LYS A 213 -0.99 -9.42 -18.10
CA LYS A 213 -0.78 -9.12 -19.51
C LYS A 213 -1.27 -7.70 -19.86
N GLN A 214 -2.27 -7.23 -19.13
CA GLN A 214 -2.70 -5.85 -19.34
C GLN A 214 -1.67 -4.86 -18.83
N VAL A 215 -1.21 -5.08 -17.60
CA VAL A 215 -0.07 -4.35 -17.05
C VAL A 215 1.04 -4.37 -18.09
N THR A 216 1.61 -5.54 -18.38
CA THR A 216 2.76 -5.64 -19.28
C THR A 216 2.57 -4.82 -20.56
N GLU A 217 1.34 -4.81 -21.12
CA GLU A 217 1.04 -3.93 -22.25
C GLU A 217 1.31 -2.46 -21.91
N LYS A 218 0.64 -1.97 -20.86
CA LYS A 218 0.79 -0.55 -20.50
C LYS A 218 2.24 -0.20 -20.14
N LEU A 219 2.86 -1.06 -19.32
CA LEU A 219 4.29 -0.96 -19.09
C LEU A 219 5.04 -0.69 -20.38
N LYS A 220 4.77 -1.49 -21.40
CA LYS A 220 5.40 -1.25 -22.69
C LYS A 220 5.07 0.13 -23.21
N GLU A 221 3.81 0.56 -23.04
CA GLU A 221 3.42 1.89 -23.55
C GLU A 221 4.32 2.98 -23.00
N HIS A 222 4.65 2.92 -21.70
CA HIS A 222 5.47 4.00 -21.15
C HIS A 222 6.96 3.90 -21.47
N PHE A 223 7.42 2.83 -22.12
CA PHE A 223 8.85 2.53 -22.16
C PHE A 223 9.40 2.30 -23.57
N ASN A 224 8.69 2.74 -24.62
CA ASN A 224 9.12 2.65 -26.01
C ASN A 224 8.91 1.25 -26.59
N ASN A 225 7.82 0.59 -26.18
CA ASN A 225 7.47 -0.77 -26.64
C ASN A 225 8.67 -1.72 -26.65
N LYS A 226 9.44 -1.69 -25.57
CA LYS A 226 10.58 -2.56 -25.35
C LYS A 226 10.13 -3.89 -24.74
N THR A 227 11.04 -4.87 -24.76
CA THR A 227 10.68 -6.19 -24.24
C THR A 227 10.38 -6.10 -22.75
N ILE A 228 9.18 -6.57 -22.39
CA ILE A 228 8.70 -6.54 -20.98
C ILE A 228 8.99 -7.89 -20.33
N ILE A 229 9.62 -7.87 -19.15
CA ILE A 229 9.97 -9.08 -18.43
C ILE A 229 9.83 -8.81 -16.94
N PHE A 230 9.10 -9.69 -16.26
CA PHE A 230 8.82 -9.61 -14.82
C PHE A 230 9.53 -10.78 -14.15
N GLN A 231 10.65 -10.52 -13.50
CA GLN A 231 11.41 -11.52 -12.75
C GLN A 231 11.30 -11.27 -11.26
N PRO A 232 11.69 -12.29 -10.45
CA PRO A 232 11.70 -12.18 -8.98
C PRO A 232 12.84 -11.23 -8.59
N PRO A 233 12.80 -10.59 -7.40
CA PRO A 233 13.82 -9.61 -7.02
C PRO A 233 15.22 -10.18 -6.96
N SER A 234 16.19 -9.28 -6.96
CA SER A 234 17.60 -9.62 -6.99
C SER A 234 18.23 -9.36 -5.62
N GLY A 235 17.86 -10.20 -4.68
CA GLY A 235 18.49 -10.09 -3.38
C GLY A 235 17.77 -9.12 -2.47
N GLY A 236 17.89 -9.38 -1.17
CA GLY A 236 17.24 -8.58 -0.17
C GLY A 236 16.77 -9.44 0.99
N ASP A 237 16.17 -8.82 2.00
CA ASP A 237 15.60 -9.62 3.05
C ASP A 237 14.21 -10.11 2.65
N LEU A 238 13.73 -11.10 3.41
CA LEU A 238 12.46 -11.75 3.13
C LEU A 238 11.37 -10.73 2.84
N GLU A 239 11.27 -9.74 3.73
CA GLU A 239 10.34 -8.63 3.60
C GLU A 239 10.27 -8.10 2.17
N ILE A 240 11.44 -7.80 1.60
CA ILE A 240 11.49 -7.29 0.23
C ILE A 240 11.12 -8.39 -0.75
N THR A 241 11.73 -9.56 -0.63
CA THR A 241 11.67 -10.62 -1.61
C THR A 241 10.42 -11.49 -1.49
N MET A 242 9.57 -11.21 -0.50
CA MET A 242 8.38 -11.99 -0.26
C MET A 242 7.23 -11.04 0.03
N HIS A 243 6.07 -11.34 -0.56
CA HIS A 243 4.86 -10.56 -0.32
C HIS A 243 4.57 -10.72 1.16
N THR A 244 4.97 -9.72 1.91
CA THR A 244 4.82 -9.73 3.35
C THR A 244 3.61 -8.88 3.69
N PHE A 245 2.90 -9.32 4.72
CA PHE A 245 1.71 -8.59 5.13
C PHE A 245 1.31 -9.14 6.48
N ASN A 246 0.38 -8.46 7.12
CA ASN A 246 -0.12 -8.92 8.41
C ASN A 246 -1.59 -9.27 8.29
N CYS A 247 -1.90 -10.51 8.65
CA CYS A 247 -3.25 -11.05 8.66
C CYS A 247 -3.58 -11.48 10.08
N ARG A 248 -4.62 -10.89 10.66
CA ARG A 248 -5.09 -11.16 12.01
C ARG A 248 -3.98 -11.02 13.07
N GLY A 249 -2.93 -10.27 12.77
CA GLY A 249 -1.82 -10.10 13.68
C GLY A 249 -0.58 -10.87 13.28
N GLU A 250 -0.71 -11.87 12.42
CA GLU A 250 0.41 -12.71 12.04
C GLU A 250 1.09 -12.11 10.82
N PHE A 251 2.40 -12.28 10.73
CA PHE A 251 3.17 -11.76 9.60
C PHE A 251 3.38 -12.89 8.58
N PHE A 252 2.61 -12.85 7.51
CA PHE A 252 2.75 -13.79 6.42
C PHE A 252 3.84 -13.31 5.48
N TYR A 253 4.75 -14.22 5.12
CA TYR A 253 5.76 -14.03 4.09
C TYR A 253 5.41 -15.02 3.00
N CYS A 254 5.05 -14.52 1.82
CA CYS A 254 4.58 -15.38 0.75
C CYS A 254 5.50 -15.23 -0.46
N ASN A 255 5.98 -16.36 -0.95
CA ASN A 255 7.01 -16.45 -1.99
C ASN A 255 6.37 -16.28 -3.37
N THR A 256 6.11 -15.04 -3.79
CA THR A 256 5.43 -14.81 -5.08
C THR A 256 6.29 -15.09 -6.30
N THR A 257 7.11 -16.15 -6.31
CA THR A 257 7.93 -16.42 -7.49
C THR A 257 7.06 -16.73 -8.69
N GLN A 258 5.96 -17.46 -8.47
CA GLN A 258 5.13 -17.90 -9.59
C GLN A 258 4.71 -16.70 -10.45
N LEU A 259 4.11 -15.68 -9.80
CA LEU A 259 3.48 -14.60 -10.55
C LEU A 259 4.47 -13.89 -11.47
N PHE A 260 5.68 -13.64 -11.00
CA PHE A 260 6.67 -12.91 -11.79
C PHE A 260 7.67 -13.86 -12.45
N ASN A 261 7.16 -14.95 -13.05
CA ASN A 261 8.09 -15.97 -13.52
C ASN A 261 7.41 -17.12 -14.25
N ASN A 262 6.12 -17.36 -13.96
CA ASN A 262 5.40 -18.37 -14.70
C ASN A 262 5.18 -17.95 -16.15
N THR A 263 5.26 -16.63 -16.41
CA THR A 263 5.24 -16.00 -17.72
C THR A 263 4.33 -16.76 -18.69
N CYS A 264 3.03 -16.75 -18.36
CA CYS A 264 2.02 -17.45 -19.17
C CYS A 264 1.22 -16.43 -19.98
N ILE A 265 1.97 -15.76 -20.84
CA ILE A 265 1.42 -14.67 -21.60
C ILE A 265 0.54 -15.18 -22.77
N GLY A 272 -1.99 -18.42 -22.35
CA GLY A 272 -2.83 -19.32 -21.57
C GLY A 272 -2.08 -20.20 -20.55
N CYS A 273 -2.29 -19.96 -19.26
CA CYS A 273 -1.81 -20.85 -18.18
C CYS A 273 -2.90 -21.58 -17.39
N ASN A 274 -3.82 -20.84 -16.79
CA ASN A 274 -4.95 -21.46 -16.11
C ASN A 274 -4.60 -22.20 -14.82
N GLY A 275 -5.63 -22.54 -14.03
CA GLY A 275 -5.46 -23.13 -12.72
C GLY A 275 -5.56 -22.09 -11.62
N THR A 276 -5.75 -22.59 -10.39
CA THR A 276 -5.73 -21.74 -9.18
C THR A 276 -4.37 -21.91 -8.53
N ILE A 277 -3.49 -20.93 -8.76
CA ILE A 277 -2.13 -20.96 -8.23
C ILE A 277 -2.17 -21.00 -6.72
N THR A 278 -1.29 -21.81 -6.12
CA THR A 278 -1.17 -21.91 -4.67
C THR A 278 0.27 -21.55 -4.30
N LEU A 279 0.44 -20.50 -3.57
CA LEU A 279 1.64 -19.82 -3.14
C LEU A 279 2.09 -20.29 -1.77
N PRO A 280 3.38 -20.53 -1.57
CA PRO A 280 3.87 -20.94 -0.26
C PRO A 280 4.06 -19.73 0.65
N CYS A 281 3.93 -19.97 1.96
CA CYS A 281 4.05 -18.88 2.92
C CYS A 281 4.58 -19.40 4.25
N LYS A 282 5.23 -18.50 4.99
CA LYS A 282 5.71 -18.75 6.33
C LYS A 282 5.26 -17.60 7.24
N ILE A 283 4.66 -17.95 8.38
CA ILE A 283 4.31 -16.96 9.40
C ILE A 283 5.55 -16.67 10.23
N LYS A 284 6.16 -15.53 9.93
CA LYS A 284 7.43 -15.11 10.56
C LYS A 284 7.20 -14.44 11.92
N GLN A 285 8.13 -14.67 12.84
CA GLN A 285 8.13 -14.10 14.17
C GLN A 285 9.18 -12.92 14.21
N ILE A 286 10.45 -13.27 14.20
CA ILE A 286 11.47 -12.23 14.07
C ILE A 286 11.27 -11.55 12.71
N ILE A 287 10.96 -10.26 12.72
CA ILE A 287 10.75 -9.57 11.44
C ILE A 287 11.51 -8.25 11.46
N ASN A 288 12.18 -7.96 10.35
CA ASN A 288 12.81 -6.67 10.18
C ASN A 288 11.71 -5.62 10.05
N MET A 289 11.81 -4.54 10.82
CA MET A 289 10.68 -3.63 10.93
C MET A 289 10.60 -2.73 9.71
N TRP A 290 9.46 -2.08 9.56
CA TRP A 290 9.26 -1.08 8.52
C TRP A 290 9.19 0.34 9.07
N GLN A 291 8.81 0.48 10.34
CA GLN A 291 8.79 1.81 10.93
C GLN A 291 10.20 2.35 11.10
N GLY A 292 11.16 1.46 11.29
CA GLY A 292 12.55 1.86 11.44
C GLY A 292 13.43 0.65 11.57
N THR A 293 14.72 0.87 11.38
CA THR A 293 15.70 -0.20 11.39
C THR A 293 15.66 -0.94 12.71
N GLY A 294 15.43 -2.25 12.66
CA GLY A 294 15.37 -3.06 13.86
C GLY A 294 14.63 -4.35 13.62
N GLN A 295 14.80 -5.26 14.57
CA GLN A 295 14.19 -6.59 14.56
C GLN A 295 13.09 -6.65 15.63
N ALA A 296 11.94 -7.18 15.28
CA ALA A 296 10.86 -7.34 16.26
C ALA A 296 10.45 -8.80 16.29
N MET A 297 10.55 -9.41 17.47
CA MET A 297 10.19 -10.79 17.68
C MET A 297 8.88 -10.86 18.46
N TYR A 298 7.87 -11.44 17.81
CA TYR A 298 6.52 -11.65 18.35
C TYR A 298 6.40 -13.10 18.79
N ALA A 299 5.25 -13.43 19.35
CA ALA A 299 5.01 -14.79 19.84
C ALA A 299 4.50 -15.68 18.71
N PRO A 300 4.51 -17.01 18.89
CA PRO A 300 4.03 -17.92 17.84
C PRO A 300 2.59 -17.64 17.45
N PRO A 301 2.14 -18.14 16.32
CA PRO A 301 0.75 -17.90 15.91
C PRO A 301 -0.25 -18.57 16.85
N ILE A 302 -1.55 -18.25 16.65
CA ILE A 302 -2.66 -18.71 17.48
C ILE A 302 -3.20 -20.01 16.89
N ASP A 303 -3.85 -20.83 17.72
CA ASP A 303 -4.40 -22.11 17.28
C ASP A 303 -5.70 -21.90 16.51
N GLY A 304 -5.68 -22.08 15.20
CA GLY A 304 -6.91 -22.05 14.44
C GLY A 304 -6.71 -21.63 13.01
N LYS A 305 -7.79 -21.68 12.24
CA LYS A 305 -7.75 -21.28 10.83
C LYS A 305 -7.47 -19.79 10.66
N ILE A 306 -6.23 -19.46 10.31
CA ILE A 306 -5.82 -18.07 10.10
C ILE A 306 -6.07 -17.76 8.62
N ASN A 307 -7.08 -16.93 8.34
CA ASN A 307 -7.44 -16.73 6.95
C ASN A 307 -7.76 -15.27 6.67
N CYS A 308 -7.25 -14.77 5.55
CA CYS A 308 -7.53 -13.43 5.05
C CYS A 308 -7.67 -13.47 3.54
N VAL A 309 -8.77 -12.94 3.02
CA VAL A 309 -8.97 -12.82 1.59
C VAL A 309 -8.93 -11.34 1.26
N SER A 310 -7.96 -10.93 0.46
CA SER A 310 -7.70 -9.54 0.14
C SER A 310 -7.81 -9.30 -1.36
N ASN A 311 -7.88 -8.02 -1.72
CA ASN A 311 -7.90 -7.59 -3.10
C ASN A 311 -6.53 -7.06 -3.48
N ILE A 312 -5.94 -7.62 -4.54
CA ILE A 312 -4.73 -7.08 -5.13
C ILE A 312 -5.17 -5.87 -5.94
N THR A 313 -4.85 -4.67 -5.46
CA THR A 313 -5.22 -3.45 -6.14
C THR A 313 -4.02 -2.63 -6.64
N GLY A 314 -2.82 -3.17 -6.57
CA GLY A 314 -1.65 -2.45 -7.07
C GLY A 314 -0.41 -3.32 -7.01
N ILE A 315 0.67 -2.80 -7.58
CA ILE A 315 1.93 -3.54 -7.62
C ILE A 315 3.11 -2.59 -7.45
N LEU A 316 4.05 -2.98 -6.59
CA LEU A 316 5.29 -2.24 -6.34
C LEU A 316 6.41 -2.82 -7.20
N LEU A 317 6.84 -2.06 -8.20
CA LEU A 317 7.82 -2.50 -9.18
C LEU A 317 9.11 -1.69 -9.08
N THR A 318 10.22 -2.34 -9.39
CA THR A 318 11.52 -1.70 -9.49
C THR A 318 12.19 -2.20 -10.76
N ARG A 319 12.82 -1.31 -11.51
CA ARG A 319 13.36 -1.68 -12.81
C ARG A 319 14.88 -1.82 -12.75
N ASP A 320 15.38 -2.80 -13.50
CA ASP A 320 16.81 -3.00 -13.61
C ASP A 320 17.46 -1.82 -14.33
N GLY A 321 18.72 -1.56 -13.98
CA GLY A 321 19.41 -0.38 -14.48
C GLY A 321 19.95 -0.51 -15.88
N GLY A 322 21.19 -1.00 -16.00
CA GLY A 322 21.92 -0.98 -17.26
C GLY A 322 21.29 -1.72 -18.43
N ALA A 323 20.03 -1.42 -18.73
CA ALA A 323 19.33 -2.00 -19.88
C ALA A 323 19.19 -1.00 -21.01
N ASN A 324 20.00 0.06 -20.97
CA ASN A 324 20.02 1.07 -22.02
C ASN A 324 20.29 0.46 -23.38
N ASN A 325 21.37 -0.27 -23.48
CA ASN A 325 21.83 -0.85 -24.75
C ASN A 325 21.51 -2.33 -24.77
N THR A 326 20.21 -2.61 -24.75
CA THR A 326 19.69 -3.96 -24.87
C THR A 326 18.27 -3.85 -25.41
N SER A 327 17.62 -5.00 -25.55
CA SER A 327 16.29 -5.08 -26.13
C SER A 327 15.17 -5.23 -25.10
N ASN A 328 15.49 -5.29 -23.81
CA ASN A 328 14.46 -5.59 -22.80
C ASN A 328 14.57 -4.66 -21.60
N GLU A 329 13.54 -4.70 -20.76
CA GLU A 329 13.47 -3.92 -19.53
C GLU A 329 12.86 -4.79 -18.45
N THR A 330 13.66 -5.16 -17.46
CA THR A 330 13.22 -6.10 -16.44
C THR A 330 12.69 -5.37 -15.22
N PHE A 331 11.54 -5.83 -14.74
CA PHE A 331 10.89 -5.27 -13.57
C PHE A 331 10.72 -6.36 -12.52
N ARG A 332 11.09 -6.04 -11.28
CA ARG A 332 11.03 -6.95 -10.16
C ARG A 332 10.20 -6.33 -9.05
N PRO A 333 9.27 -7.07 -8.44
CA PRO A 333 8.44 -6.47 -7.39
C PRO A 333 9.28 -6.01 -6.21
N GLY A 334 8.90 -4.88 -5.65
CA GLY A 334 9.63 -4.28 -4.56
C GLY A 334 8.69 -3.85 -3.45
N GLY A 335 9.07 -2.80 -2.76
CA GLY A 335 8.31 -2.30 -1.65
C GLY A 335 9.23 -2.09 -0.48
N GLY A 336 8.65 -2.07 0.71
CA GLY A 336 9.48 -1.85 1.87
C GLY A 336 9.31 -0.47 2.46
N ASP A 337 9.16 0.55 1.59
CA ASP A 337 8.80 1.89 2.01
C ASP A 337 7.29 2.01 2.02
N MET A 338 6.71 2.02 3.21
CA MET A 338 5.28 2.08 3.33
C MET A 338 4.72 3.47 3.04
N ARG A 339 5.59 4.49 2.99
CA ARG A 339 5.16 5.76 2.43
C ARG A 339 4.55 5.56 1.05
N ASP A 340 5.19 4.74 0.21
CA ASP A 340 4.68 4.52 -1.13
C ASP A 340 3.31 3.86 -1.09
N ASN A 341 3.10 2.94 -0.14
CA ASN A 341 1.79 2.35 0.06
C ASN A 341 0.72 3.42 0.28
N TRP A 342 0.99 4.38 1.18
CA TRP A 342 0.02 5.45 1.43
C TRP A 342 -0.16 6.34 0.20
N ARG A 343 0.96 6.70 -0.44
CA ARG A 343 1.05 7.54 -1.63
C ARG A 343 0.34 6.88 -2.82
N SER A 344 -0.03 5.62 -2.67
CA SER A 344 -0.86 4.94 -3.64
C SER A 344 -2.34 5.27 -3.51
N GLU A 345 -2.78 5.86 -2.40
CA GLU A 345 -4.17 6.25 -2.23
C GLU A 345 -4.36 7.76 -2.12
N LEU A 346 -3.38 8.50 -1.60
CA LEU A 346 -3.41 9.94 -1.45
C LEU A 346 -3.01 10.69 -2.70
N TYR A 347 -2.75 9.97 -3.80
CA TYR A 347 -2.24 10.61 -5.01
C TYR A 347 -3.15 11.74 -5.47
N LYS A 348 -4.46 11.56 -5.33
CA LYS A 348 -5.43 12.55 -5.78
C LYS A 348 -5.78 13.53 -4.68
N TYR A 349 -4.78 14.02 -3.92
CA TYR A 349 -5.10 14.90 -2.81
C TYR A 349 -3.96 15.89 -2.61
N LYS A 350 -4.31 17.13 -2.29
CA LYS A 350 -3.35 18.22 -2.14
C LYS A 350 -3.80 19.12 -1.00
N VAL A 351 -2.84 19.78 -0.35
CA VAL A 351 -3.15 20.60 0.81
C VAL A 351 -2.89 22.06 0.42
N VAL A 352 -3.90 22.91 0.61
CA VAL A 352 -3.83 24.29 0.17
C VAL A 352 -4.12 25.18 1.36
N GLN A 353 -3.28 26.20 1.54
CA GLN A 353 -3.56 27.27 2.47
C GLN A 353 -4.36 28.33 1.72
N ILE A 354 -5.37 28.89 2.37
CA ILE A 354 -6.16 29.96 1.74
C ILE A 354 -5.41 31.24 1.99
N GLU A 355 -4.52 31.58 1.06
CA GLU A 355 -3.90 32.90 0.98
C GLU A 355 -4.85 33.85 0.25
#